data_8GX3
#
_entry.id   8GX3
#
_cell.length_a   50.329
_cell.length_b   64.140
_cell.length_c   99.782
_cell.angle_alpha   90.000
_cell.angle_beta   90.000
_cell.angle_gamma   90.000
#
_symmetry.space_group_name_H-M   'P 21 21 21'
#
loop_
_entity.id
_entity.type
_entity.pdbx_description
1 polymer 'Calpain-1 catalytic subunit'
2 non-polymer N-[(2S)-3-cyclohexyl-1-[[(2S,3S)-4-(cyclopropylamino)-3-oxidanyl-4-oxidanylidene-1-[(3S)-2-oxidanylidenepiperidin-3-yl]butan-2-yl]amino]-1-oxidanylidene-propan-2-yl]-1-benzofuran-2-carboxamide
3 non-polymer 'CALCIUM ION'
4 water water
#
_entity_poly.entity_id   1
_entity_poly.type   'polypeptide(L)'
_entity_poly.pdbx_seq_one_letter_code
;MSEEIITPVYCTGVSAQVQKQRARELGLGRHENAIKYLGQDYEQLRVRCLQSGTLFRDEAFPPVPQSLGYKDLGPNSSKT
YGIKWKRPTELLSNPQFIVDGATRTDICQGALGDCWLLAAIASLTLNDTLLHRVVPHGQSFQNGYAGIFHFQLWQFGEWV
DVVVDDLLPIKDGKLVFVHSAEGNEFWSALLEKAYAKVNGSYEALSGGSTSEGFEDFTGGVTEWYELRKAPSDLYQIILK
ALERGSLLGCSIDISSVLDMEAITFKKLVKGHAYSVTGAKQVNYRGQVVSLIRMRNPWGEVEWTGAWSDSSSEWNNVDPY
ERDQLRVKMEDGEFWMSFRDFMREFTRLEICNLTPDALKSRTIRKWNTTLYEGTWRRGSTAGGCRNYPATFWVNPQFKIR
LDETDDPDDYGDRESGCSFVLALMQKHRRRERRFGRDMETIGFAVYEVPPELVGQPAVHLKRDFFLANASRARSEQFINL
REVSTRFRLPPGEYVVVPSTFEPNKEGDFVLRFFSEKSAGTVELDDQIQANLPDEQVLSEEEIDENFKALFRQLAGEDME
ISVKELRTILNRIISKHKDLRTKGFSLESCRSMVNLMDRDGNGKLGLVEFNILWNRIRNYLSIFRKFDLDKSGSMSAYEM
RMAIESAGFKLNKKLYELIITRYSEPDLAVDFDNFVCCLVRLETMFRFFKTLDTDLDGVVTFDLFKWLQLTMFA
;
_entity_poly.pdbx_strand_id   A
#
# COMPACT_ATOMS: atom_id res chain seq x y z
N GLU A 32 5.71 -23.88 3.64
CA GLU A 32 7.01 -23.21 3.60
C GLU A 32 7.28 -22.75 2.17
N ASN A 33 7.08 -23.59 1.16
CA ASN A 33 7.21 -23.09 -0.22
C ASN A 33 5.84 -22.87 -0.86
N ALA A 34 5.71 -21.72 -1.51
CA ALA A 34 4.47 -21.34 -2.11
C ALA A 34 3.90 -22.22 -3.22
N ILE A 35 2.59 -22.35 -3.22
CA ILE A 35 1.86 -23.05 -4.27
C ILE A 35 1.84 -22.18 -5.52
N LYS A 36 1.85 -22.78 -6.70
CA LYS A 36 1.83 -21.99 -7.94
C LYS A 36 0.40 -21.64 -8.33
N TYR A 37 0.07 -20.35 -8.30
CA TYR A 37 -1.27 -19.93 -8.67
C TYR A 37 -1.57 -20.28 -10.13
N LEU A 38 -2.72 -20.94 -10.34
CA LEU A 38 -3.14 -21.46 -11.64
C LEU A 38 -2.07 -22.33 -12.30
N GLY A 39 -1.22 -22.96 -11.50
CA GLY A 39 -0.18 -23.81 -12.05
C GLY A 39 0.96 -23.09 -12.75
N GLN A 40 0.93 -21.75 -12.83
CA GLN A 40 1.96 -21.04 -13.55
C GLN A 40 3.27 -21.03 -12.77
N ASP A 41 4.34 -21.40 -13.45
CA ASP A 41 5.66 -21.59 -12.87
C ASP A 41 6.52 -20.41 -13.33
N TYR A 42 6.77 -19.47 -12.42
CA TYR A 42 7.55 -18.27 -12.77
C TYR A 42 8.87 -18.64 -13.43
N GLU A 43 9.68 -19.46 -12.74
CA GLU A 43 11.02 -19.75 -13.24
C GLU A 43 10.99 -20.45 -14.59
N GLN A 44 10.13 -21.45 -14.73
CA GLN A 44 9.98 -22.17 -15.99
C GLN A 44 9.61 -21.22 -17.12
N LEU A 45 8.57 -20.41 -16.91
CA LEU A 45 8.09 -19.50 -17.95
C LEU A 45 9.16 -18.48 -18.30
N ARG A 46 9.87 -17.96 -17.29
CA ARG A 46 10.92 -16.98 -17.54
C ARG A 46 12.03 -17.58 -18.40
N VAL A 47 12.50 -18.77 -18.02
CA VAL A 47 13.58 -19.42 -18.77
C VAL A 47 13.12 -19.74 -20.19
N ARG A 48 11.87 -20.19 -20.34
CA ARG A 48 11.35 -20.53 -21.65
C ARG A 48 11.33 -19.32 -22.56
N CYS A 49 10.76 -18.22 -22.06
CA CYS A 49 10.73 -16.97 -22.83
C CYS A 49 12.14 -16.49 -23.16
N LEU A 50 13.05 -16.58 -22.18
CA LEU A 50 14.41 -16.10 -22.37
C LEU A 50 15.10 -16.87 -23.48
N GLN A 51 14.95 -18.20 -23.47
CA GLN A 51 15.56 -19.02 -24.52
C GLN A 51 14.87 -18.78 -25.86
N SER A 52 13.56 -18.50 -25.84
CA SER A 52 12.80 -18.30 -27.06
C SER A 52 12.95 -16.90 -27.65
N GLY A 53 13.63 -15.99 -26.93
CA GLY A 53 13.75 -14.62 -27.39
C GLY A 53 12.45 -13.85 -27.43
N THR A 54 11.47 -14.23 -26.61
CA THR A 54 10.16 -13.58 -26.59
C THR A 54 9.89 -13.02 -25.19
N LEU A 55 8.87 -12.17 -25.10
CA LEU A 55 8.40 -11.63 -23.83
C LEU A 55 7.14 -12.37 -23.39
N PHE A 56 7.05 -12.63 -22.09
CA PHE A 56 5.91 -13.34 -21.53
C PHE A 56 4.61 -12.57 -21.77
N ARG A 57 3.56 -13.30 -22.09
CA ARG A 57 2.22 -12.78 -22.26
C ARG A 57 1.37 -13.68 -21.40
N ASP A 58 0.66 -13.08 -20.46
CA ASP A 58 -0.11 -13.83 -19.50
C ASP A 58 -1.48 -14.19 -19.96
N GLU A 59 -1.62 -15.45 -20.29
CA GLU A 59 -2.87 -16.02 -20.74
C GLU A 59 -3.98 -15.89 -19.69
N ALA A 60 -3.64 -16.06 -18.44
CA ALA A 60 -4.51 -15.93 -17.31
C ALA A 60 -5.06 -14.53 -17.04
N PHE A 61 -4.32 -13.50 -17.36
CA PHE A 61 -4.74 -12.13 -17.10
C PHE A 61 -4.21 -11.22 -18.21
N PRO A 62 -4.79 -11.30 -19.40
CA PRO A 62 -4.36 -10.59 -20.59
C PRO A 62 -4.70 -9.11 -20.56
N PRO A 63 -4.01 -8.32 -21.35
CA PRO A 63 -4.20 -6.87 -21.41
C PRO A 63 -5.44 -6.51 -22.21
N VAL A 64 -6.60 -6.84 -21.71
CA VAL A 64 -7.86 -6.66 -22.44
C VAL A 64 -8.83 -5.91 -21.55
N PRO A 65 -9.90 -5.33 -22.12
CA PRO A 65 -10.85 -4.56 -21.28
C PRO A 65 -11.35 -5.30 -20.05
N GLN A 66 -11.58 -6.60 -20.13
CA GLN A 66 -12.09 -7.32 -19.02
C GLN A 66 -11.15 -7.29 -17.82
N SER A 67 -9.87 -7.20 -18.08
CA SER A 67 -8.89 -7.10 -17.05
C SER A 67 -8.98 -5.78 -16.28
N LEU A 68 -9.31 -4.70 -16.97
CA LEU A 68 -9.53 -3.44 -16.32
C LEU A 68 -10.78 -3.46 -15.45
N GLY A 69 -11.87 -3.93 -16.03
CA GLY A 69 -13.12 -3.91 -15.32
C GLY A 69 -14.35 -4.26 -16.11
N TYR A 70 -15.47 -4.18 -15.41
CA TYR A 70 -16.74 -4.55 -15.96
C TYR A 70 -17.85 -3.52 -16.00
N LYS A 71 -17.83 -2.50 -15.15
CA LYS A 71 -18.88 -1.49 -15.15
C LYS A 71 -18.31 -0.10 -15.14
N ASP A 72 -17.72 0.30 -14.03
CA ASP A 72 -17.04 1.58 -14.01
C ASP A 72 -15.85 1.59 -14.90
N LEU A 73 -15.14 0.49 -14.94
CA LEU A 73 -13.97 0.32 -15.76
C LEU A 73 -14.27 -0.59 -16.96
N GLY A 74 -15.54 -0.67 -17.31
CA GLY A 74 -16.04 -1.47 -18.41
C GLY A 74 -15.69 -0.96 -19.78
N PRO A 75 -15.77 -1.84 -20.75
CA PRO A 75 -15.46 -1.66 -22.15
C PRO A 75 -15.93 -0.37 -22.72
N ASN A 76 -17.10 0.08 -22.32
CA ASN A 76 -17.63 1.30 -22.91
C ASN A 76 -17.77 2.42 -21.89
N SER A 77 -17.07 2.34 -20.77
CA SER A 77 -17.10 3.42 -19.79
C SER A 77 -16.14 4.52 -20.19
N SER A 78 -16.56 5.78 -19.99
CA SER A 78 -15.69 6.90 -20.28
C SER A 78 -14.46 6.92 -19.38
N LYS A 79 -14.48 6.18 -18.27
CA LYS A 79 -13.33 6.13 -17.37
C LYS A 79 -12.14 5.42 -18.01
N THR A 80 -12.39 4.58 -19.02
CA THR A 80 -11.32 3.87 -19.70
C THR A 80 -10.80 4.62 -20.93
N TYR A 81 -11.27 5.85 -21.15
CA TYR A 81 -10.81 6.65 -22.28
C TYR A 81 -9.29 6.75 -22.28
N GLY A 82 -8.69 6.46 -23.43
CA GLY A 82 -7.25 6.65 -23.58
C GLY A 82 -6.36 5.67 -22.85
N ILE A 83 -6.91 4.65 -22.20
CA ILE A 83 -6.08 3.67 -21.49
C ILE A 83 -5.53 2.66 -22.48
N LYS A 84 -4.23 2.42 -22.39
CA LYS A 84 -3.51 1.48 -23.21
C LYS A 84 -2.69 0.60 -22.28
N TRP A 85 -2.13 -0.49 -22.82
CA TRP A 85 -1.32 -1.39 -22.01
C TRP A 85 0.12 -1.34 -22.53
N LYS A 86 1.05 -0.99 -21.66
CA LYS A 86 2.47 -0.94 -22.03
C LYS A 86 3.34 -1.54 -20.93
N ARG A 87 4.41 -2.20 -21.35
CA ARG A 87 5.45 -2.64 -20.43
C ARG A 87 6.35 -1.46 -20.06
N PRO A 88 6.95 -1.47 -18.86
CA PRO A 88 7.85 -0.34 -18.50
C PRO A 88 8.97 -0.13 -19.49
N THR A 89 9.45 -1.21 -20.12
CA THR A 89 10.49 -1.14 -21.12
C THR A 89 10.00 -0.49 -22.41
N GLU A 90 8.70 -0.38 -22.58
CA GLU A 90 8.13 0.32 -23.71
C GLU A 90 7.79 1.76 -23.35
N LEU A 91 8.03 2.13 -22.11
CA LEU A 91 7.76 3.46 -21.60
C LEU A 91 8.94 4.36 -21.32
N LEU A 92 9.95 3.86 -20.62
CA LEU A 92 11.11 4.68 -20.29
C LEU A 92 12.39 4.05 -20.79
N SER A 93 13.50 4.70 -20.52
CA SER A 93 14.79 4.17 -20.95
C SER A 93 15.31 3.09 -20.00
N ASN A 94 15.25 3.36 -18.70
CA ASN A 94 15.88 2.51 -17.68
C ASN A 94 14.86 2.20 -16.58
N PRO A 95 13.83 1.43 -16.90
CA PRO A 95 12.86 1.06 -15.86
C PRO A 95 13.53 0.20 -14.79
N GLN A 96 13.13 0.42 -13.55
CA GLN A 96 13.67 -0.32 -12.41
C GLN A 96 12.55 -1.03 -11.65
N PHE A 97 12.86 -2.20 -11.11
CA PHE A 97 11.88 -2.87 -10.23
C PHE A 97 11.84 -2.17 -8.87
N ILE A 98 12.98 -2.08 -8.20
CA ILE A 98 13.07 -1.42 -6.91
C ILE A 98 14.16 -0.36 -6.97
N VAL A 99 13.86 0.83 -6.46
CA VAL A 99 14.80 1.96 -6.42
C VAL A 99 14.85 2.48 -4.99
N ASP A 100 16.06 2.62 -4.44
CA ASP A 100 16.25 2.99 -3.03
C ASP A 100 15.33 2.20 -2.10
N GLY A 101 15.17 0.93 -2.38
CA GLY A 101 14.39 0.05 -1.53
C GLY A 101 12.90 0.10 -1.86
N ALA A 102 12.20 -0.94 -1.46
CA ALA A 102 10.74 -0.99 -1.59
C ALA A 102 10.16 -0.43 -0.30
N THR A 103 9.71 0.82 -0.34
CA THR A 103 9.26 1.54 0.85
C THR A 103 7.89 2.18 0.61
N ARG A 104 7.32 2.69 1.70
CA ARG A 104 5.96 3.21 1.66
C ARG A 104 5.80 4.42 0.76
N THR A 105 6.87 5.17 0.50
CA THR A 105 6.78 6.29 -0.43
C THR A 105 6.60 5.84 -1.87
N ASP A 106 6.78 4.55 -2.17
CA ASP A 106 6.51 4.00 -3.49
C ASP A 106 5.02 3.70 -3.74
N ILE A 107 4.15 4.04 -2.79
CA ILE A 107 2.74 3.70 -2.84
C ILE A 107 1.94 4.97 -3.01
N CYS A 108 1.66 5.35 -4.26
CA CYS A 108 0.91 6.57 -4.56
C CYS A 108 -0.31 6.20 -5.40
N GLN A 109 -1.49 6.27 -4.80
CA GLN A 109 -2.72 5.79 -5.41
C GLN A 109 -2.99 6.42 -6.76
N GLY A 110 -3.55 5.62 -7.66
CA GLY A 110 -4.04 6.04 -8.94
C GLY A 110 -5.58 6.17 -8.95
N ALA A 111 -6.14 6.07 -10.14
CA ALA A 111 -7.57 6.21 -10.37
C ALA A 111 -8.36 4.93 -10.17
N LEU A 112 -8.40 4.48 -8.94
CA LEU A 112 -9.06 3.27 -8.56
C LEU A 112 -9.36 3.33 -7.09
N GLY A 113 -10.48 2.80 -6.67
CA GLY A 113 -10.87 2.85 -5.27
C GLY A 113 -10.23 1.82 -4.35
N ASP A 114 -8.93 1.54 -4.48
CA ASP A 114 -8.29 0.49 -3.69
C ASP A 114 -7.38 1.02 -2.58
N CYS A 115 -7.78 2.14 -1.97
CA CYS A 115 -7.02 2.68 -0.84
C CYS A 115 -6.75 1.65 0.25
N TRP A 116 -7.72 0.77 0.57
CA TRP A 116 -7.49 -0.26 1.57
C TRP A 116 -6.30 -1.14 1.22
N LEU A 117 -6.18 -1.53 -0.05
CA LEU A 117 -5.09 -2.39 -0.49
C LEU A 117 -3.76 -1.65 -0.46
N LEU A 118 -3.76 -0.39 -0.92
CA LEU A 118 -2.50 0.33 -0.97
C LEU A 118 -2.01 0.68 0.42
N ALA A 119 -2.93 0.94 1.35
CA ALA A 119 -2.55 1.13 2.74
C ALA A 119 -1.94 -0.13 3.31
N ALA A 120 -2.50 -1.29 2.94
CA ALA A 120 -1.91 -2.56 3.37
C ALA A 120 -0.50 -2.71 2.83
N ILE A 121 -0.27 -2.37 1.56
CA ILE A 121 1.09 -2.47 1.01
C ILE A 121 2.05 -1.54 1.74
N ALA A 122 1.63 -0.29 1.96
CA ALA A 122 2.52 0.64 2.66
C ALA A 122 2.88 0.12 4.04
N SER A 123 1.88 -0.39 4.78
CA SER A 123 2.16 -0.96 6.10
C SER A 123 3.11 -2.15 5.99
N LEU A 124 2.89 -3.01 4.99
CA LEU A 124 3.72 -4.17 4.75
C LEU A 124 5.19 -3.78 4.62
N THR A 125 5.46 -2.66 3.94
CA THR A 125 6.87 -2.28 3.73
C THR A 125 7.65 -2.10 5.02
N LEU A 126 6.97 -1.96 6.16
CA LEU A 126 7.65 -1.80 7.44
C LEU A 126 8.07 -3.11 8.08
N ASN A 127 7.59 -4.26 7.56
CA ASN A 127 8.00 -5.58 8.05
C ASN A 127 8.94 -6.17 6.99
N ASP A 128 10.26 -6.08 7.25
CA ASP A 128 11.24 -6.41 6.23
C ASP A 128 11.15 -7.86 5.75
N THR A 129 10.93 -8.79 6.67
CA THR A 129 10.83 -10.20 6.29
C THR A 129 9.62 -10.44 5.40
N LEU A 130 8.44 -10.03 5.85
CA LEU A 130 7.22 -10.24 5.06
C LEU A 130 7.30 -9.50 3.73
N LEU A 131 7.78 -8.25 3.76
CA LEU A 131 7.97 -7.48 2.54
C LEU A 131 8.81 -8.27 1.53
N HIS A 132 9.90 -8.88 2.01
CA HIS A 132 10.76 -9.68 1.15
C HIS A 132 10.13 -11.01 0.76
N ARG A 133 9.07 -11.46 1.46
CA ARG A 133 8.36 -12.63 0.97
C ARG A 133 7.34 -12.27 -0.11
N VAL A 134 6.52 -11.25 0.15
CA VAL A 134 5.53 -10.81 -0.82
C VAL A 134 6.20 -10.29 -2.09
N VAL A 135 7.25 -9.49 -1.93
CA VAL A 135 7.97 -8.91 -3.07
C VAL A 135 9.32 -9.60 -3.23
N PRO A 136 9.43 -10.55 -4.12
CA PRO A 136 10.72 -11.20 -4.34
C PRO A 136 11.69 -10.19 -4.92
N HIS A 137 12.69 -9.81 -4.13
CA HIS A 137 13.67 -8.84 -4.58
C HIS A 137 14.59 -9.49 -5.63
N GLY A 138 15.35 -8.66 -6.32
CA GLY A 138 16.25 -9.18 -7.33
C GLY A 138 15.62 -9.45 -8.67
N GLN A 139 14.30 -9.32 -8.80
CA GLN A 139 13.71 -9.23 -10.13
C GLN A 139 14.17 -7.91 -10.74
N SER A 140 14.46 -7.92 -12.02
CA SER A 140 14.95 -6.73 -12.71
C SER A 140 14.43 -6.58 -14.12
N PHE A 141 14.57 -5.41 -14.70
CA PHE A 141 14.22 -5.20 -16.10
C PHE A 141 15.44 -5.36 -17.00
N GLN A 142 16.56 -5.67 -16.40
CA GLN A 142 17.81 -5.83 -17.10
C GLN A 142 18.22 -7.29 -17.20
N ASN A 143 19.20 -7.73 -16.44
CA ASN A 143 19.64 -9.10 -16.54
C ASN A 143 18.58 -10.11 -16.24
N GLY A 144 18.33 -11.01 -17.16
CA GLY A 144 17.35 -12.05 -17.00
C GLY A 144 15.93 -11.64 -17.32
N TYR A 145 15.71 -10.48 -17.94
CA TYR A 145 14.36 -9.98 -18.16
C TYR A 145 13.71 -10.66 -19.35
N ALA A 146 12.50 -11.20 -19.12
CA ALA A 146 11.66 -11.78 -20.15
C ALA A 146 10.21 -11.29 -20.04
N GLY A 147 9.98 -10.13 -19.42
CA GLY A 147 8.64 -9.57 -19.36
C GLY A 147 7.71 -10.28 -18.41
N ILE A 148 8.25 -10.96 -17.39
CA ILE A 148 7.46 -11.68 -16.40
C ILE A 148 7.97 -11.35 -15.00
N PHE A 149 7.03 -11.19 -14.06
CA PHE A 149 7.34 -10.95 -12.65
C PHE A 149 6.42 -11.83 -11.81
N HIS A 150 6.76 -11.96 -10.53
CA HIS A 150 5.97 -12.79 -9.62
C HIS A 150 5.96 -12.18 -8.22
N PHE A 151 4.93 -12.56 -7.47
CA PHE A 151 4.73 -12.12 -6.09
C PHE A 151 4.13 -13.27 -5.28
N GLN A 152 4.32 -13.23 -3.97
CA GLN A 152 3.70 -14.19 -3.06
C GLN A 152 2.55 -13.52 -2.31
N LEU A 153 1.41 -14.21 -2.26
CA LEU A 153 0.23 -13.74 -1.54
C LEU A 153 -0.33 -14.85 -0.66
N TRP A 154 -0.81 -14.47 0.52
CA TRP A 154 -1.51 -15.40 1.39
C TRP A 154 -2.97 -15.47 0.94
N GLN A 155 -3.39 -16.63 0.45
CA GLN A 155 -4.74 -16.82 -0.09
C GLN A 155 -5.34 -18.09 0.48
N PHE A 156 -6.51 -17.96 1.08
CA PHE A 156 -7.27 -19.09 1.63
C PHE A 156 -6.38 -20.03 2.41
N GLY A 157 -5.59 -19.46 3.31
CA GLY A 157 -4.82 -20.27 4.23
C GLY A 157 -3.50 -20.78 3.73
N GLU A 158 -3.03 -20.37 2.55
CA GLU A 158 -1.72 -20.81 2.11
C GLU A 158 -1.03 -19.72 1.31
N TRP A 159 0.30 -19.76 1.29
CA TRP A 159 1.06 -18.85 0.44
C TRP A 159 0.99 -19.37 -1.00
N VAL A 160 0.75 -18.47 -1.94
CA VAL A 160 0.71 -18.83 -3.35
C VAL A 160 1.58 -17.85 -4.13
N ASP A 161 2.17 -18.34 -5.22
CA ASP A 161 2.99 -17.54 -6.09
C ASP A 161 2.19 -17.17 -7.33
N VAL A 162 1.99 -15.86 -7.54
CA VAL A 162 1.23 -15.30 -8.62
C VAL A 162 2.18 -14.64 -9.60
N VAL A 163 2.11 -15.05 -10.87
CA VAL A 163 2.88 -14.39 -11.93
C VAL A 163 2.01 -13.35 -12.62
N VAL A 164 2.68 -12.34 -13.18
CA VAL A 164 2.07 -11.40 -14.12
C VAL A 164 3.06 -11.12 -15.24
N ASP A 165 2.53 -10.77 -16.41
CA ASP A 165 3.42 -10.08 -17.33
C ASP A 165 3.42 -8.61 -16.94
N ASP A 166 4.41 -7.87 -17.46
CA ASP A 166 4.59 -6.49 -17.01
C ASP A 166 3.87 -5.47 -17.89
N LEU A 167 2.83 -5.88 -18.61
CA LEU A 167 1.96 -4.91 -19.28
C LEU A 167 1.11 -4.19 -18.23
N LEU A 168 1.15 -2.85 -18.23
CA LEU A 168 0.43 -2.07 -17.23
C LEU A 168 -0.46 -1.02 -17.88
N PRO A 169 -1.56 -0.67 -17.22
CA PRO A 169 -2.45 0.36 -17.76
C PRO A 169 -1.81 1.74 -17.70
N ILE A 170 -1.84 2.43 -18.84
CA ILE A 170 -1.16 3.69 -19.07
C ILE A 170 -2.14 4.63 -19.74
N LYS A 171 -2.16 5.88 -19.29
CA LYS A 171 -2.89 6.93 -19.99
C LYS A 171 -2.00 8.16 -20.05
N ASP A 172 -1.95 8.81 -21.21
CA ASP A 172 -1.13 10.01 -21.39
C ASP A 172 0.32 9.75 -20.98
N GLY A 173 0.81 8.55 -21.23
CA GLY A 173 2.17 8.19 -20.93
C GLY A 173 2.46 7.85 -19.49
N LYS A 174 1.47 7.95 -18.60
CA LYS A 174 1.66 7.73 -17.17
C LYS A 174 0.86 6.52 -16.72
N LEU A 175 1.30 5.90 -15.62
CA LEU A 175 0.56 4.79 -15.04
C LEU A 175 -0.80 5.30 -14.55
N VAL A 176 -1.86 4.54 -14.84
CA VAL A 176 -3.19 4.99 -14.46
C VAL A 176 -3.47 4.70 -12.99
N PHE A 177 -2.96 3.56 -12.50
CA PHE A 177 -3.28 3.15 -11.15
C PHE A 177 -2.09 3.40 -10.22
N VAL A 178 -1.74 2.46 -9.33
CA VAL A 178 -0.70 2.80 -8.34
C VAL A 178 0.64 3.04 -9.04
N HIS A 179 1.42 3.94 -8.44
CA HIS A 179 2.71 4.33 -9.00
C HIS A 179 3.62 4.76 -7.86
N SER A 180 4.90 4.77 -8.12
CA SER A 180 5.89 5.20 -7.14
C SER A 180 6.08 6.72 -7.29
N ALA A 181 6.49 7.36 -6.19
CA ALA A 181 6.92 8.76 -6.31
C ALA A 181 8.10 8.86 -7.25
N GLU A 182 8.92 7.81 -7.31
CA GLU A 182 9.96 7.66 -8.31
C GLU A 182 9.32 7.15 -9.60
N GLY A 183 9.35 7.96 -10.66
CA GLY A 183 8.62 7.63 -11.88
C GLY A 183 9.12 6.40 -12.63
N ASN A 184 10.35 5.94 -12.37
CA ASN A 184 10.85 4.76 -13.06
C ASN A 184 10.89 3.51 -12.15
N GLU A 185 10.11 3.49 -11.09
CA GLU A 185 10.04 2.34 -10.18
C GLU A 185 8.70 1.65 -10.31
N PHE A 186 8.72 0.32 -10.50
CA PHE A 186 7.51 -0.40 -10.91
C PHE A 186 7.09 -1.56 -10.03
N TRP A 187 7.78 -1.84 -8.90
CA TRP A 187 7.39 -2.99 -8.09
C TRP A 187 5.97 -2.88 -7.56
N SER A 188 5.58 -1.69 -7.10
CA SER A 188 4.26 -1.56 -6.48
C SER A 188 3.15 -1.62 -7.53
N ALA A 189 3.39 -1.06 -8.73
CA ALA A 189 2.45 -1.21 -9.84
C ALA A 189 2.21 -2.67 -10.18
N LEU A 190 3.29 -3.45 -10.18
CA LEU A 190 3.21 -4.86 -10.55
C LEU A 190 2.54 -5.69 -9.46
N LEU A 191 2.84 -5.39 -8.19
CA LEU A 191 2.15 -6.05 -7.09
C LEU A 191 0.65 -5.75 -7.11
N GLU A 192 0.27 -4.48 -7.33
CA GLU A 192 -1.14 -4.15 -7.47
C GLU A 192 -1.78 -4.94 -8.61
N LYS A 193 -1.06 -5.06 -9.75
CA LYS A 193 -1.57 -5.85 -10.85
C LYS A 193 -1.78 -7.31 -10.45
N ALA A 194 -0.84 -7.89 -9.71
CA ALA A 194 -1.00 -9.28 -9.28
C ALA A 194 -2.23 -9.45 -8.39
N TYR A 195 -2.49 -8.45 -7.52
CA TYR A 195 -3.65 -8.54 -6.65
C TYR A 195 -4.94 -8.38 -7.43
N ALA A 196 -4.94 -7.50 -8.45
CA ALA A 196 -6.08 -7.44 -9.36
C ALA A 196 -6.30 -8.77 -10.04
N LYS A 197 -5.20 -9.42 -10.46
CA LYS A 197 -5.29 -10.68 -11.18
C LYS A 197 -6.03 -11.72 -10.36
N VAL A 198 -5.60 -11.91 -9.10
CA VAL A 198 -6.30 -12.92 -8.30
C VAL A 198 -7.75 -12.48 -8.05
N ASN A 199 -8.06 -11.18 -8.14
CA ASN A 199 -9.47 -10.79 -8.02
C ASN A 199 -10.21 -10.75 -9.36
N GLY A 200 -9.56 -11.04 -10.47
CA GLY A 200 -10.23 -11.05 -11.75
C GLY A 200 -10.24 -9.74 -12.51
N SER A 201 -10.00 -8.59 -11.86
CA SER A 201 -9.94 -7.31 -12.57
C SER A 201 -9.45 -6.23 -11.63
N TYR A 202 -9.06 -5.10 -12.21
CA TYR A 202 -8.73 -3.94 -11.40
C TYR A 202 -9.98 -3.40 -10.69
N GLU A 203 -11.11 -3.28 -11.43
CA GLU A 203 -12.36 -2.74 -10.86
C GLU A 203 -12.78 -3.49 -9.60
N ALA A 204 -12.58 -4.81 -9.57
CA ALA A 204 -12.95 -5.59 -8.40
C ALA A 204 -12.29 -5.07 -7.12
N LEU A 205 -11.22 -4.29 -7.24
CA LEU A 205 -10.52 -3.77 -6.07
C LEU A 205 -11.08 -2.44 -5.57
N SER A 206 -12.05 -1.89 -6.26
CA SER A 206 -12.57 -0.63 -5.84
C SER A 206 -13.58 -0.77 -4.70
N GLY A 207 -13.21 -0.25 -3.54
CA GLY A 207 -14.04 -0.33 -2.37
C GLY A 207 -13.70 -1.62 -1.64
N GLY A 208 -13.09 -1.53 -0.46
CA GLY A 208 -12.70 -2.72 0.23
C GLY A 208 -12.33 -2.52 1.68
N SER A 209 -11.84 -3.59 2.34
CA SER A 209 -11.53 -3.55 3.75
C SER A 209 -10.03 -3.77 3.95
N THR A 210 -9.41 -2.88 4.72
CA THR A 210 -7.95 -2.94 4.87
C THR A 210 -7.52 -4.28 5.47
N SER A 211 -8.34 -4.86 6.34
CA SER A 211 -8.00 -6.12 6.98
C SER A 211 -7.69 -7.20 5.96
N GLU A 212 -8.40 -7.19 4.83
CA GLU A 212 -8.19 -8.20 3.80
C GLU A 212 -6.78 -8.09 3.23
N GLY A 213 -6.35 -6.87 2.91
CA GLY A 213 -5.00 -6.69 2.39
C GLY A 213 -3.93 -7.06 3.41
N PHE A 214 -4.07 -6.54 4.64
CA PHE A 214 -3.16 -6.90 5.73
C PHE A 214 -2.96 -8.42 5.81
N GLU A 215 -4.07 -9.16 5.87
CA GLU A 215 -3.98 -10.62 6.05
C GLU A 215 -3.44 -11.31 4.82
N ASP A 216 -3.81 -10.82 3.62
CA ASP A 216 -3.32 -11.44 2.40
C ASP A 216 -1.83 -11.17 2.17
N PHE A 217 -1.25 -10.22 2.87
CA PHE A 217 0.17 -9.96 2.79
C PHE A 217 0.97 -10.63 3.92
N THR A 218 0.30 -11.04 4.98
CA THR A 218 0.97 -11.63 6.12
C THR A 218 0.62 -13.03 6.63
N GLY A 219 -0.59 -13.50 6.35
CA GLY A 219 -1.04 -14.74 6.91
C GLY A 219 -1.46 -14.50 8.37
N GLY A 220 -1.53 -13.25 8.81
CA GLY A 220 -1.94 -12.93 10.16
C GLY A 220 -3.45 -12.77 10.25
N VAL A 221 -3.89 -12.26 11.39
CA VAL A 221 -5.30 -12.00 11.65
C VAL A 221 -5.45 -10.61 12.25
N THR A 222 -6.48 -9.90 11.82
CA THR A 222 -6.68 -8.53 12.26
C THR A 222 -7.70 -8.46 13.38
N GLU A 223 -7.39 -7.60 14.35
CA GLU A 223 -8.27 -7.21 15.44
C GLU A 223 -8.68 -5.77 15.21
N TRP A 224 -9.97 -5.47 15.40
CA TRP A 224 -10.54 -4.16 15.14
C TRP A 224 -10.80 -3.42 16.46
N TYR A 225 -10.52 -2.11 16.46
CA TYR A 225 -10.72 -1.27 17.62
C TYR A 225 -11.61 -0.10 17.25
N GLU A 226 -12.71 0.05 18.00
CA GLU A 226 -13.51 1.27 18.00
C GLU A 226 -12.85 2.27 18.95
N LEU A 227 -12.29 3.32 18.38
CA LEU A 227 -11.52 4.26 19.17
C LEU A 227 -12.22 4.86 20.37
N ARG A 228 -13.52 5.07 20.28
CA ARG A 228 -14.33 5.61 21.35
C ARG A 228 -14.45 4.66 22.53
N LYS A 229 -14.19 3.40 22.27
CA LYS A 229 -14.29 2.40 23.27
C LYS A 229 -13.05 1.60 23.44
N ALA A 230 -11.92 2.20 23.21
CA ALA A 230 -10.69 1.48 23.31
C ALA A 230 -10.20 1.27 24.71
N PRO A 231 -9.32 0.28 24.91
CA PRO A 231 -8.72 0.07 26.23
C PRO A 231 -7.81 1.24 26.58
N SER A 232 -7.64 1.47 27.88
CA SER A 232 -6.82 2.59 28.35
C SER A 232 -5.37 2.48 27.91
N ASP A 233 -4.90 1.28 27.56
CA ASP A 233 -3.51 1.10 27.15
C ASP A 233 -3.36 0.96 25.63
N LEU A 234 -4.31 1.51 24.86
CA LEU A 234 -4.23 1.40 23.40
C LEU A 234 -2.92 1.93 22.84
N TYR A 235 -2.40 3.02 23.39
CA TYR A 235 -1.14 3.55 22.85
C TYR A 235 0.00 2.55 23.01
N GLN A 236 0.07 1.89 24.15
CA GLN A 236 1.10 0.87 24.36
C GLN A 236 0.87 -0.33 23.43
N ILE A 237 -0.39 -0.70 23.20
CA ILE A 237 -0.70 -1.77 22.27
C ILE A 237 -0.19 -1.42 20.88
N ILE A 238 -0.40 -0.17 20.46
CA ILE A 238 0.06 0.30 19.16
C ILE A 238 1.57 0.27 19.07
N LEU A 239 2.25 0.73 20.13
CA LEU A 239 3.71 0.72 20.14
C LEU A 239 4.25 -0.70 19.97
N LYS A 240 3.78 -1.63 20.82
CA LYS A 240 4.22 -3.02 20.72
C LYS A 240 3.94 -3.59 19.35
N ALA A 241 2.76 -3.32 18.80
CA ALA A 241 2.40 -3.90 17.50
C ALA A 241 3.34 -3.40 16.41
N LEU A 242 3.59 -2.09 16.39
CA LEU A 242 4.55 -1.54 15.43
C LEU A 242 5.94 -2.15 15.63
N GLU A 243 6.34 -2.35 16.89
CA GLU A 243 7.66 -2.92 17.16
C GLU A 243 7.77 -4.35 16.64
N ARG A 244 6.70 -5.14 16.77
CA ARG A 244 6.67 -6.53 16.29
C ARG A 244 6.68 -6.63 14.77
N GLY A 245 6.33 -5.55 14.06
CA GLY A 245 6.12 -5.66 12.63
C GLY A 245 4.73 -6.05 12.20
N SER A 246 3.75 -5.94 13.09
CA SER A 246 2.34 -6.08 12.77
C SER A 246 1.94 -4.97 11.80
N LEU A 247 0.82 -5.16 11.11
CA LEU A 247 0.36 -4.11 10.19
C LEU A 247 -0.82 -3.37 10.77
N LEU A 248 -0.80 -2.03 10.67
CA LEU A 248 -1.83 -1.22 11.31
C LEU A 248 -2.42 -0.19 10.36
N GLY A 249 -3.72 0.03 10.49
CA GLY A 249 -4.41 1.01 9.68
C GLY A 249 -5.48 1.71 10.49
N CYS A 250 -5.99 2.80 9.94
CA CYS A 250 -6.99 3.55 10.70
C CYS A 250 -7.88 4.30 9.73
N SER A 251 -9.02 4.78 10.24
CA SER A 251 -9.97 5.41 9.36
C SER A 251 -10.98 6.24 10.15
N ILE A 252 -11.67 7.12 9.42
CA ILE A 252 -12.78 7.92 9.92
C ILE A 252 -14.08 7.41 9.34
N ASP A 253 -15.08 7.22 10.21
CA ASP A 253 -16.40 6.79 9.77
C ASP A 253 -17.06 7.83 8.87
N ILE A 254 -17.89 7.35 7.97
CA ILE A 254 -18.77 8.20 7.15
C ILE A 254 -20.12 8.33 7.85
N SER A 255 -20.74 9.49 7.72
CA SER A 255 -22.08 9.68 8.25
C SER A 255 -23.13 9.16 7.30
N SER A 256 -22.85 9.21 6.01
CA SER A 256 -23.79 8.78 4.99
C SER A 256 -23.00 8.53 3.71
N VAL A 257 -23.72 8.15 2.65
CA VAL A 257 -23.10 7.85 1.38
C VAL A 257 -22.42 9.09 0.78
N LEU A 258 -22.96 10.27 1.00
CA LEU A 258 -22.43 11.42 0.27
C LEU A 258 -21.25 12.09 0.98
N ASP A 259 -20.87 11.66 2.18
CA ASP A 259 -19.60 12.10 2.72
C ASP A 259 -18.53 11.00 2.64
N MET A 260 -18.74 9.99 1.79
CA MET A 260 -17.62 9.16 1.37
C MET A 260 -16.56 10.00 0.68
N GLU A 261 -15.31 9.83 1.11
CA GLU A 261 -14.15 10.57 0.63
C GLU A 261 -14.25 12.08 0.87
N ALA A 262 -15.14 12.53 1.75
CA ALA A 262 -15.12 13.94 2.14
C ALA A 262 -13.78 14.30 2.78
N ILE A 263 -13.29 15.49 2.46
CA ILE A 263 -12.06 16.03 3.02
C ILE A 263 -12.45 17.03 4.11
N THR A 264 -12.00 16.79 5.34
CA THR A 264 -12.35 17.69 6.44
C THR A 264 -11.59 19.01 6.33
N PHE A 265 -11.97 19.97 7.21
CA PHE A 265 -11.31 21.27 7.24
C PHE A 265 -9.82 21.14 7.49
N LYS A 266 -9.43 20.20 8.33
CA LYS A 266 -8.03 19.97 8.65
C LYS A 266 -7.41 18.90 7.74
N LYS A 267 -8.06 18.61 6.61
CA LYS A 267 -7.50 17.80 5.51
C LYS A 267 -7.21 16.35 5.92
N LEU A 268 -8.09 15.79 6.72
CA LEU A 268 -8.24 14.35 6.80
C LEU A 268 -9.31 13.93 5.79
N VAL A 269 -9.28 12.66 5.39
CA VAL A 269 -10.20 12.13 4.39
C VAL A 269 -11.07 11.06 5.06
N LYS A 270 -12.39 11.23 4.98
CA LYS A 270 -13.33 10.27 5.57
C LYS A 270 -13.53 9.05 4.67
N GLY A 271 -13.81 7.90 5.28
CA GLY A 271 -14.08 6.68 4.52
C GLY A 271 -12.89 6.22 3.72
N HIS A 272 -11.69 6.40 4.28
CA HIS A 272 -10.42 6.30 3.56
C HIS A 272 -9.39 5.59 4.42
N ALA A 273 -8.76 4.57 3.87
CA ALA A 273 -7.80 3.78 4.62
C ALA A 273 -6.47 4.51 4.72
N TYR A 274 -5.99 4.69 5.96
CA TYR A 274 -4.68 5.24 6.25
C TYR A 274 -3.79 4.13 6.82
N SER A 275 -2.50 4.12 6.46
CA SER A 275 -1.55 3.27 7.16
C SER A 275 -1.11 3.94 8.45
N VAL A 276 -1.03 3.19 9.54
CA VAL A 276 -0.38 3.68 10.74
C VAL A 276 1.08 3.22 10.65
N THR A 277 2.00 4.17 10.60
CA THR A 277 3.38 3.87 10.26
C THR A 277 4.37 4.17 11.38
N GLY A 278 3.94 4.76 12.47
CA GLY A 278 4.84 5.04 13.54
C GLY A 278 4.19 5.57 14.80
N ALA A 279 4.96 5.54 15.88
CA ALA A 279 4.56 6.09 17.16
C ALA A 279 5.77 6.39 18.04
N LYS A 280 5.74 7.51 18.73
CA LYS A 280 6.80 7.89 19.61
C LYS A 280 6.39 8.92 20.62
N GLN A 281 6.94 8.81 21.82
CA GLN A 281 6.72 9.80 22.86
C GLN A 281 7.86 10.82 22.83
N VAL A 282 7.51 12.11 23.02
CA VAL A 282 8.50 13.17 23.06
C VAL A 282 8.26 14.04 24.29
N ASN A 283 9.33 14.68 24.75
CA ASN A 283 9.20 15.69 25.79
C ASN A 283 8.71 17.00 25.18
N TYR A 284 7.67 17.58 25.79
CA TYR A 284 6.99 18.75 25.24
C TYR A 284 6.33 19.53 26.35
N ARG A 285 6.76 20.78 26.52
CA ARG A 285 6.16 21.73 27.47
C ARG A 285 6.03 21.13 28.87
N GLY A 286 7.08 20.43 29.31
CA GLY A 286 7.11 19.87 30.64
C GLY A 286 6.40 18.55 30.82
N GLN A 287 5.80 17.99 29.76
CA GLN A 287 5.08 16.73 29.82
C GLN A 287 5.67 15.75 28.80
N VAL A 288 5.21 14.51 28.88
CA VAL A 288 5.54 13.51 27.87
C VAL A 288 4.30 13.39 26.99
N VAL A 289 4.46 13.66 25.69
CA VAL A 289 3.35 13.66 24.75
C VAL A 289 3.53 12.49 23.80
N SER A 290 2.47 11.71 23.61
CA SER A 290 2.53 10.55 22.72
C SER A 290 2.07 10.95 21.33
N LEU A 291 2.92 10.68 20.33
CA LEU A 291 2.63 10.98 18.93
C LEU A 291 2.41 9.68 18.18
N ILE A 292 1.59 9.76 17.14
CA ILE A 292 1.35 8.67 16.21
C ILE A 292 1.54 9.20 14.80
N ARG A 293 2.13 8.38 13.94
CA ARG A 293 2.42 8.75 12.57
C ARG A 293 1.61 7.88 11.63
N MET A 294 1.01 8.50 10.62
CA MET A 294 0.20 7.78 9.66
C MET A 294 0.40 8.34 8.26
N ARG A 295 0.00 7.53 7.27
CA ARG A 295 0.28 7.84 5.88
C ARG A 295 -0.95 7.64 5.03
N ASN A 296 -1.35 8.71 4.35
CA ASN A 296 -2.42 8.69 3.37
C ASN A 296 -1.90 8.00 2.09
N PRO A 297 -2.52 6.91 1.64
CA PRO A 297 -1.99 6.21 0.45
C PRO A 297 -2.08 7.03 -0.82
N TRP A 298 -2.79 8.17 -0.82
CA TRP A 298 -2.68 9.10 -1.94
C TRP A 298 -1.23 9.55 -2.13
N GLY A 299 -0.44 9.53 -1.06
CA GLY A 299 0.89 10.11 -1.11
C GLY A 299 0.89 11.62 -1.06
N GLU A 300 -0.21 12.20 -0.69
CA GLU A 300 -0.41 13.63 -0.56
C GLU A 300 -1.73 13.84 0.22
N VAL A 301 -1.96 15.10 0.62
CA VAL A 301 -3.09 15.56 1.42
C VAL A 301 -2.94 15.06 2.86
N GLU A 302 -2.55 15.98 3.71
CA GLU A 302 -2.27 15.67 5.07
C GLU A 302 -2.94 16.58 6.07
N TRP A 303 -3.05 16.09 7.29
CA TRP A 303 -3.45 16.80 8.51
C TRP A 303 -2.73 18.14 8.61
N THR A 304 -3.46 19.18 9.02
CA THR A 304 -2.91 20.54 9.16
C THR A 304 -2.84 21.01 10.61
N GLY A 305 -3.19 20.15 11.54
CA GLY A 305 -3.25 20.50 12.92
C GLY A 305 -1.97 20.34 13.65
N ALA A 306 -2.05 20.18 14.95
CA ALA A 306 -0.87 20.06 15.76
C ALA A 306 -0.04 18.85 15.32
N TRP A 307 1.27 19.05 15.26
CA TRP A 307 2.28 18.08 14.85
C TRP A 307 2.37 17.78 13.36
N SER A 308 1.63 18.54 12.55
CA SER A 308 1.71 18.51 11.09
C SER A 308 3.09 19.03 10.67
N ASP A 309 3.51 18.74 9.45
CA ASP A 309 4.88 18.96 9.01
C ASP A 309 5.39 20.36 9.35
N SER A 310 4.55 21.38 9.17
CA SER A 310 4.98 22.75 9.34
C SER A 310 4.47 23.38 10.62
N SER A 311 3.86 22.60 11.51
CA SER A 311 3.26 23.15 12.72
C SER A 311 4.34 23.60 13.70
N SER A 312 3.95 24.51 14.58
CA SER A 312 4.87 25.13 15.53
C SER A 312 5.20 24.23 16.72
N GLU A 313 4.48 23.12 16.91
CA GLU A 313 4.80 22.22 18.01
C GLU A 313 6.24 21.75 17.94
N TRP A 314 6.75 21.51 16.74
CA TRP A 314 8.12 21.04 16.59
C TRP A 314 9.14 22.04 17.10
N ASN A 315 8.75 23.32 17.23
CA ASN A 315 9.67 24.31 17.78
C ASN A 315 10.00 24.00 19.24
N ASN A 316 9.10 23.35 19.96
CA ASN A 316 9.29 23.08 21.39
C ASN A 316 9.67 21.64 21.67
N VAL A 317 10.27 21.00 20.69
CA VAL A 317 10.71 19.62 20.81
C VAL A 317 12.23 19.62 20.67
N ASP A 318 12.84 18.69 21.38
CA ASP A 318 14.27 18.47 21.33
C ASP A 318 14.78 18.48 19.88
N PRO A 319 15.89 19.17 19.58
CA PRO A 319 16.32 19.28 18.17
C PRO A 319 16.69 17.95 17.54
N TYR A 320 17.24 17.03 18.32
CA TYR A 320 17.52 15.70 17.81
C TYR A 320 16.22 14.96 17.48
N GLU A 321 15.25 14.97 18.42
CA GLU A 321 14.00 14.26 18.16
C GLU A 321 13.26 14.90 16.99
N ARG A 322 13.31 16.23 16.89
CA ARG A 322 12.76 16.93 15.73
C ARG A 322 13.40 16.43 14.44
N ASP A 323 14.74 16.36 14.41
CA ASP A 323 15.42 15.88 13.21
C ASP A 323 15.09 14.42 12.91
N GLN A 324 14.86 13.61 13.94
CA GLN A 324 14.58 12.19 13.77
C GLN A 324 13.18 11.94 13.21
N LEU A 325 12.19 12.70 13.68
CA LEU A 325 10.78 12.41 13.40
C LEU A 325 10.16 13.29 12.33
N ARG A 326 10.45 14.59 12.34
CA ARG A 326 9.80 15.56 11.47
C ARG A 326 10.45 15.58 10.09
N VAL A 327 9.64 15.37 9.06
CA VAL A 327 10.11 15.48 7.68
C VAL A 327 9.18 16.46 6.96
N LYS A 328 9.72 17.60 6.52
CA LYS A 328 8.89 18.60 5.84
C LYS A 328 8.74 18.18 4.38
N MET A 329 7.65 17.47 4.07
CA MET A 329 7.49 16.92 2.73
C MET A 329 6.01 16.60 2.49
N GLU A 330 5.48 17.08 1.38
CA GLU A 330 4.13 16.70 0.99
C GLU A 330 4.21 15.29 0.42
N ASP A 331 4.06 14.30 1.29
CA ASP A 331 4.21 12.90 0.94
C ASP A 331 3.07 12.04 1.47
N GLY A 332 2.02 12.65 2.02
CA GLY A 332 0.92 11.92 2.59
C GLY A 332 1.16 11.42 4.01
N GLU A 333 2.39 11.53 4.53
CA GLU A 333 2.71 11.01 5.85
C GLU A 333 2.88 12.17 6.84
N PHE A 334 2.35 12.01 8.03
CA PHE A 334 2.33 13.09 9.02
C PHE A 334 2.12 12.51 10.41
N TRP A 335 2.45 13.32 11.40
CA TRP A 335 2.26 13.00 12.80
C TRP A 335 1.01 13.70 13.32
N MET A 336 0.46 13.10 14.37
CA MET A 336 -0.61 13.67 15.18
C MET A 336 -0.31 13.32 16.63
N SER A 337 -0.76 14.16 17.55
CA SER A 337 -0.79 13.70 18.93
C SER A 337 -1.79 12.56 19.06
N PHE A 338 -1.49 11.61 19.95
CA PHE A 338 -2.45 10.54 20.19
C PHE A 338 -3.79 11.11 20.65
N ARG A 339 -3.78 12.22 21.39
CA ARG A 339 -5.03 12.86 21.78
C ARG A 339 -5.84 13.28 20.55
N ASP A 340 -5.21 13.98 19.60
CA ASP A 340 -5.92 14.37 18.39
C ASP A 340 -6.32 13.15 17.56
N PHE A 341 -5.45 12.15 17.50
CA PHE A 341 -5.77 10.91 16.78
C PHE A 341 -7.09 10.34 17.31
N MET A 342 -7.18 10.20 18.63
CA MET A 342 -8.38 9.68 19.27
C MET A 342 -9.58 10.58 19.06
N ARG A 343 -9.34 11.88 18.85
CA ARG A 343 -10.42 12.84 18.62
C ARG A 343 -10.94 12.81 17.19
N GLU A 344 -10.07 12.61 16.20
CA GLU A 344 -10.42 12.72 14.77
C GLU A 344 -10.72 11.38 14.10
N PHE A 345 -9.97 10.33 14.42
CA PHE A 345 -10.21 9.04 13.80
C PHE A 345 -11.22 8.23 14.58
N THR A 346 -11.83 7.26 13.90
CA THR A 346 -12.88 6.44 14.50
C THR A 346 -12.45 5.00 14.71
N ARG A 347 -11.63 4.45 13.82
CA ARG A 347 -11.32 3.03 13.86
C ARG A 347 -9.83 2.78 13.70
N LEU A 348 -9.37 1.71 14.35
CA LEU A 348 -8.03 1.21 14.17
C LEU A 348 -8.11 -0.29 13.88
N GLU A 349 -7.20 -0.77 13.03
CA GLU A 349 -7.05 -2.19 12.74
C GLU A 349 -5.61 -2.58 13.03
N ILE A 350 -5.42 -3.74 13.66
CA ILE A 350 -4.08 -4.26 13.87
C ILE A 350 -4.06 -5.71 13.40
N CYS A 351 -3.22 -5.98 12.45
CA CYS A 351 -3.07 -7.32 11.93
C CYS A 351 -1.78 -7.97 12.43
N ASN A 352 -1.95 -8.86 13.40
CA ASN A 352 -0.85 -9.58 14.02
C ASN A 352 -0.63 -10.94 13.37
N LEU A 353 0.62 -11.31 13.22
CA LEU A 353 0.92 -12.59 12.64
C LEU A 353 0.70 -13.77 13.62
N THR A 354 1.07 -13.62 14.88
CA THR A 354 0.89 -14.67 15.88
C THR A 354 0.33 -14.06 17.17
N PRO A 355 -0.92 -13.60 17.15
CA PRO A 355 -1.51 -12.88 18.28
C PRO A 355 -1.56 -13.63 19.60
N ASP A 356 -1.47 -14.95 19.56
CA ASP A 356 -1.52 -15.70 20.79
C ASP A 356 -0.15 -16.18 21.28
N ALA A 357 0.87 -15.85 20.53
CA ALA A 357 2.22 -16.20 20.90
C ALA A 357 3.17 -15.03 20.74
N LEU A 358 3.06 -14.03 21.59
CA LEU A 358 3.97 -12.90 21.50
C LEU A 358 5.28 -13.19 22.19
#